data_1TJF
#
_entry.id   1TJF
#
_cell.length_a   71.240
_cell.length_b   75.060
_cell.length_c   162.874
_cell.angle_alpha   90.00
_cell.angle_beta   90.00
_cell.angle_gamma   90.00
#
_symmetry.space_group_name_H-M   'C 2 2 21'
#
loop_
_entity.id
_entity.type
_entity.pdbx_description
1 polymer 'Adenylyl cyclase-associated protein'
2 non-polymer 'SULFATE ION'
3 water water
#
_entity_poly.entity_id   1
_entity_poly.type   'polypeptide(L)'
_entity_poly.pdbx_seq_one_letter_code
;SGAAGPSSASVKEFQNLVDQHITPFVALSKKLAPEVGNQVEQLVKAIDAEKALINTASQSKKPSQETLLELIKPLNNFAA
EVGKIRDSNRSSKFFNNLSAISESIGFLSWVVVEPTPGPHVAEMRGSAEFYTNRILKEFKGVNQDQVDWVSNYVNFLKDL
EKYIKQYHTTGLTWNPKGGDAKSATP
;
_entity_poly.pdbx_strand_id   A,B
#
loop_
_chem_comp.id
_chem_comp.type
_chem_comp.name
_chem_comp.formula
SO4 non-polymer 'SULFATE ION' 'O4 S -2'
#
# COMPACT_ATOMS: atom_id res chain seq x y z
N GLY A 2 2.62 9.33 -7.16
CA GLY A 2 2.34 8.95 -5.72
C GLY A 2 3.16 7.77 -5.19
N ALA A 3 3.00 7.50 -3.89
CA ALA A 3 3.70 6.40 -3.25
C ALA A 3 2.71 5.27 -3.07
N ALA A 4 3.23 4.07 -2.87
CA ALA A 4 2.40 2.89 -2.67
C ALA A 4 1.62 2.97 -1.37
N GLY A 5 2.18 3.62 -0.35
CA GLY A 5 1.52 3.67 0.95
C GLY A 5 1.64 2.30 1.61
N PRO A 6 1.06 2.11 2.81
CA PRO A 6 1.13 0.82 3.51
C PRO A 6 0.48 -0.18 2.56
N SER A 7 1.16 -1.29 2.28
CA SER A 7 0.64 -2.22 1.28
C SER A 7 1.19 -3.64 1.33
N SER A 8 0.31 -4.63 1.16
CA SER A 8 0.73 -6.03 1.17
C SER A 8 1.75 -6.25 0.06
N ALA A 9 1.75 -5.38 -0.96
CA ALA A 9 2.69 -5.51 -2.08
C ALA A 9 4.15 -5.36 -1.65
N SER A 10 4.41 -4.51 -0.66
CA SER A 10 5.80 -4.34 -0.22
C SER A 10 6.24 -5.60 0.52
N VAL A 11 5.30 -6.33 1.10
CA VAL A 11 5.68 -7.55 1.82
C VAL A 11 6.00 -8.64 0.82
N LYS A 12 5.14 -8.75 -0.17
CA LYS A 12 5.28 -9.73 -1.23
C LYS A 12 6.58 -9.52 -2.01
N GLU A 13 6.83 -8.28 -2.46
CA GLU A 13 8.04 -7.99 -3.21
C GLU A 13 9.33 -8.23 -2.41
N PHE A 14 9.28 -7.99 -1.09
CA PHE A 14 10.46 -8.23 -0.27
C PHE A 14 10.78 -9.73 -0.27
N GLN A 15 9.75 -10.56 -0.14
CA GLN A 15 9.93 -12.01 -0.16
C GLN A 15 10.44 -12.46 -1.53
N ASN A 16 10.01 -11.77 -2.59
CA ASN A 16 10.48 -12.12 -3.92
C ASN A 16 12.00 -11.89 -4.00
N LEU A 17 12.50 -10.90 -3.27
CA LEU A 17 13.92 -10.61 -3.27
C LEU A 17 14.65 -11.72 -2.53
N VAL A 18 14.01 -12.22 -1.49
CA VAL A 18 14.63 -13.28 -0.71
C VAL A 18 14.69 -14.58 -1.55
N ASP A 19 13.59 -14.90 -2.20
CA ASP A 19 13.53 -16.12 -2.99
C ASP A 19 14.51 -16.09 -4.13
N GLN A 20 14.57 -14.96 -4.80
CA GLN A 20 15.43 -14.82 -5.93
C GLN A 20 16.92 -14.85 -5.61
N HIS A 21 17.34 -14.07 -4.63
CA HIS A 21 18.77 -13.97 -4.31
C HIS A 21 19.25 -14.70 -3.07
N ILE A 22 18.46 -14.64 -2.01
CA ILE A 22 18.87 -15.28 -0.75
C ILE A 22 18.80 -16.80 -0.68
N THR A 23 17.77 -17.40 -1.25
CA THR A 23 17.64 -18.87 -1.18
C THR A 23 18.84 -19.58 -1.81
N PRO A 24 19.20 -19.22 -3.03
CA PRO A 24 20.37 -19.95 -3.56
C PRO A 24 21.60 -19.54 -2.80
N PHE A 25 21.59 -18.33 -2.23
CA PHE A 25 22.74 -17.84 -1.48
C PHE A 25 22.97 -18.76 -0.30
N VAL A 26 21.87 -19.10 0.37
CA VAL A 26 21.94 -19.99 1.50
C VAL A 26 22.52 -21.36 1.10
N ALA A 27 22.07 -21.90 -0.03
CA ALA A 27 22.57 -23.20 -0.46
C ALA A 27 24.08 -23.12 -0.71
N LEU A 28 24.50 -22.13 -1.48
CA LEU A 28 25.91 -21.96 -1.78
C LEU A 28 26.70 -21.84 -0.49
N SER A 29 26.20 -21.03 0.45
CA SER A 29 26.86 -20.80 1.72
C SER A 29 27.17 -22.07 2.49
N LYS A 30 26.18 -22.95 2.61
CA LYS A 30 26.38 -24.21 3.32
C LYS A 30 27.35 -25.07 2.53
N LYS A 31 27.32 -24.96 1.22
CA LYS A 31 28.20 -25.75 0.38
C LYS A 31 29.65 -25.31 0.55
N LEU A 32 29.86 -24.01 0.75
CA LEU A 32 31.20 -23.47 0.92
C LEU A 32 31.87 -23.89 2.23
N ALA A 33 31.21 -23.65 3.35
CA ALA A 33 31.82 -24.02 4.63
C ALA A 33 30.86 -23.82 5.80
N PRO A 34 31.10 -24.54 6.90
CA PRO A 34 30.28 -24.49 8.10
C PRO A 34 30.15 -23.10 8.69
N GLU A 35 31.27 -22.38 8.81
CA GLU A 35 31.21 -21.06 9.42
C GLU A 35 30.44 -20.09 8.53
N VAL A 36 30.57 -20.28 7.22
CA VAL A 36 29.84 -19.42 6.30
C VAL A 36 28.36 -19.78 6.38
N GLY A 37 28.05 -21.07 6.43
CA GLY A 37 26.65 -21.48 6.53
C GLY A 37 26.01 -20.95 7.81
N ASN A 38 26.75 -21.05 8.90
CA ASN A 38 26.29 -20.58 10.20
C ASN A 38 26.08 -19.05 10.19
N GLN A 39 26.99 -18.28 9.59
CA GLN A 39 26.83 -16.82 9.59
C GLN A 39 25.67 -16.36 8.70
N VAL A 40 25.47 -17.03 7.58
CA VAL A 40 24.40 -16.68 6.68
C VAL A 40 23.06 -17.10 7.29
N GLU A 41 23.08 -18.15 8.11
CA GLU A 41 21.88 -18.63 8.78
C GLU A 41 21.36 -17.52 9.71
N GLN A 42 22.28 -16.75 10.29
CA GLN A 42 21.87 -15.65 11.17
C GLN A 42 21.34 -14.49 10.31
N LEU A 43 22.02 -14.23 9.19
CA LEU A 43 21.58 -13.17 8.27
C LEU A 43 20.13 -13.47 7.84
N VAL A 44 19.87 -14.72 7.48
CA VAL A 44 18.54 -15.15 7.07
C VAL A 44 17.52 -14.83 8.17
N LYS A 45 17.86 -15.14 9.41
CA LYS A 45 16.93 -14.86 10.48
C LYS A 45 16.65 -13.36 10.62
N ALA A 46 17.70 -12.55 10.43
CA ALA A 46 17.57 -11.10 10.51
C ALA A 46 16.66 -10.64 9.37
N ILE A 47 16.88 -11.23 8.20
CA ILE A 47 16.10 -10.88 7.03
C ILE A 47 14.63 -11.26 7.25
N ASP A 48 14.37 -12.47 7.72
CA ASP A 48 12.98 -12.88 7.97
C ASP A 48 12.35 -11.95 9.00
N ALA A 49 13.09 -11.61 10.06
CA ALA A 49 12.57 -10.68 11.08
C ALA A 49 12.23 -9.31 10.45
N GLU A 50 13.04 -8.90 9.49
CA GLU A 50 12.84 -7.63 8.81
C GLU A 50 11.58 -7.71 7.95
N LYS A 51 11.33 -8.87 7.33
CA LYS A 51 10.11 -9.02 6.55
C LYS A 51 8.93 -8.85 7.50
N ALA A 52 9.04 -9.43 8.69
CA ALA A 52 7.93 -9.32 9.62
C ALA A 52 7.72 -7.85 10.02
N LEU A 53 8.82 -7.12 10.20
CA LEU A 53 8.74 -5.71 10.59
C LEU A 53 7.97 -4.95 9.48
N ILE A 54 8.34 -5.21 8.21
CA ILE A 54 7.69 -4.54 7.08
C ILE A 54 6.18 -4.86 7.09
N ASN A 55 5.85 -6.13 7.30
CA ASN A 55 4.43 -6.54 7.37
C ASN A 55 3.72 -5.81 8.51
N THR A 56 4.35 -5.74 9.69
CA THR A 56 3.72 -5.06 10.83
C THR A 56 3.49 -3.57 10.54
N ALA A 57 4.50 -2.92 9.97
CA ALA A 57 4.42 -1.49 9.65
C ALA A 57 3.33 -1.22 8.61
N SER A 58 3.14 -2.14 7.66
CA SER A 58 2.11 -1.95 6.65
C SER A 58 0.72 -1.98 7.26
N GLN A 59 0.62 -2.54 8.47
CA GLN A 59 -0.67 -2.67 9.14
C GLN A 59 -0.83 -1.89 10.43
N SER A 60 0.24 -1.24 10.90
CA SER A 60 0.18 -0.52 12.18
C SER A 60 0.65 0.90 12.09
N LYS A 61 0.22 1.70 13.06
CA LYS A 61 0.64 3.09 13.12
C LYS A 61 2.07 3.10 13.62
N LYS A 62 2.82 4.13 13.24
CA LYS A 62 4.20 4.33 13.67
C LYS A 62 4.23 4.33 15.20
N PRO A 63 4.91 3.34 15.81
CA PRO A 63 4.99 3.23 17.27
C PRO A 63 5.88 4.27 17.99
N SER A 64 5.82 4.27 19.31
CA SER A 64 6.65 5.17 20.11
C SER A 64 8.08 4.68 19.91
N GLN A 65 9.07 5.53 20.15
CA GLN A 65 10.45 5.11 19.98
C GLN A 65 10.78 3.89 20.87
N GLU A 66 10.15 3.84 22.04
CA GLU A 66 10.37 2.73 22.98
C GLU A 66 9.88 1.46 22.32
N THR A 67 8.65 1.49 21.83
CA THR A 67 8.08 0.32 21.17
C THR A 67 8.92 -0.02 19.94
N LEU A 68 9.38 0.99 19.21
CA LEU A 68 10.19 0.74 18.01
C LEU A 68 11.58 0.18 18.30
N LEU A 69 12.00 0.14 19.57
CA LEU A 69 13.30 -0.44 19.88
C LEU A 69 13.08 -1.91 20.16
N GLU A 70 11.96 -2.23 20.77
CA GLU A 70 11.68 -3.62 21.06
C GLU A 70 11.45 -4.40 19.76
N LEU A 71 10.75 -3.80 18.79
CA LEU A 71 10.50 -4.48 17.51
C LEU A 71 11.79 -4.82 16.74
N ILE A 72 12.82 -4.00 16.85
CA ILE A 72 14.04 -4.29 16.10
C ILE A 72 15.11 -4.95 16.92
N LYS A 73 14.83 -5.19 18.20
CA LYS A 73 15.82 -5.84 19.06
C LYS A 73 16.25 -7.18 18.48
N PRO A 74 15.29 -7.98 17.97
CA PRO A 74 15.74 -9.27 17.44
C PRO A 74 16.70 -9.04 16.25
N LEU A 75 16.35 -8.05 15.41
CA LEU A 75 17.18 -7.72 14.27
C LEU A 75 18.58 -7.45 14.73
N ASN A 76 18.74 -6.54 15.68
CA ASN A 76 20.06 -6.21 16.19
C ASN A 76 20.83 -7.43 16.68
N ASN A 77 20.16 -8.32 17.41
CA ASN A 77 20.82 -9.51 17.94
C ASN A 77 21.46 -10.41 16.87
N PHE A 78 20.72 -10.67 15.79
CA PHE A 78 21.26 -11.51 14.71
C PHE A 78 22.43 -10.78 14.05
N ALA A 79 22.29 -9.48 13.86
CA ALA A 79 23.35 -8.69 13.27
C ALA A 79 24.62 -8.87 14.11
N ALA A 80 24.47 -8.79 15.43
CA ALA A 80 25.58 -8.96 16.36
C ALA A 80 26.29 -10.30 16.16
N GLU A 81 25.50 -11.38 16.11
CA GLU A 81 26.01 -12.73 15.90
C GLU A 81 26.81 -12.81 14.61
N VAL A 82 26.30 -12.15 13.58
CA VAL A 82 26.96 -12.12 12.29
C VAL A 82 28.41 -11.64 12.42
N GLY A 83 28.62 -10.55 13.17
CA GLY A 83 29.97 -10.03 13.33
C GLY A 83 30.88 -10.89 14.21
N LYS A 84 30.29 -11.46 15.28
CA LYS A 84 31.05 -12.30 16.21
C LYS A 84 31.60 -13.50 15.49
N ILE A 85 30.79 -14.08 14.63
CA ILE A 85 31.23 -15.23 13.90
C ILE A 85 32.42 -14.86 13.00
N ARG A 86 32.30 -13.75 12.30
CA ARG A 86 33.37 -13.40 11.41
C ARG A 86 34.61 -12.94 12.19
N ASP A 87 34.42 -12.25 13.32
CA ASP A 87 35.57 -11.77 14.11
C ASP A 87 36.41 -12.93 14.67
N SER A 88 35.77 -14.07 14.95
CA SER A 88 36.45 -15.24 15.51
C SER A 88 36.91 -16.24 14.45
N ASN A 89 36.89 -15.83 13.19
CA ASN A 89 37.32 -16.74 12.13
C ASN A 89 38.30 -16.05 11.22
N ARG A 90 39.14 -15.19 11.77
CA ARG A 90 40.12 -14.50 10.95
C ARG A 90 41.05 -15.47 10.18
N SER A 91 41.29 -16.67 10.72
CA SER A 91 42.16 -17.63 10.03
C SER A 91 41.42 -18.48 9.03
N SER A 92 40.13 -18.29 8.91
CA SER A 92 39.35 -19.09 7.96
C SER A 92 39.66 -18.73 6.51
N LYS A 93 39.69 -19.72 5.63
CA LYS A 93 39.94 -19.40 4.24
C LYS A 93 38.73 -18.67 3.65
N PHE A 94 37.65 -18.59 4.43
CA PHE A 94 36.47 -17.88 3.95
C PHE A 94 36.26 -16.54 4.66
N PHE A 95 37.32 -16.03 5.26
CA PHE A 95 37.26 -14.75 5.98
C PHE A 95 36.71 -13.62 5.10
N ASN A 96 37.09 -13.59 3.84
CA ASN A 96 36.58 -12.57 2.92
C ASN A 96 35.07 -12.74 2.78
N ASN A 97 34.60 -13.98 2.71
CA ASN A 97 33.14 -14.22 2.58
C ASN A 97 32.45 -13.69 3.83
N LEU A 98 32.98 -14.08 4.99
CA LEU A 98 32.38 -13.66 6.27
C LEU A 98 32.44 -12.14 6.44
N SER A 99 33.49 -11.49 5.91
CA SER A 99 33.60 -10.02 6.04
C SER A 99 32.70 -9.31 5.04
N ALA A 100 32.43 -9.92 3.89
CA ALA A 100 31.56 -9.25 2.93
C ALA A 100 30.25 -9.02 3.67
N ILE A 101 29.85 -10.00 4.47
CA ILE A 101 28.58 -9.90 5.21
C ILE A 101 28.68 -9.09 6.49
N SER A 102 29.68 -9.38 7.32
CA SER A 102 29.82 -8.66 8.58
C SER A 102 29.96 -7.15 8.40
N GLU A 103 30.76 -6.72 7.45
CA GLU A 103 30.97 -5.30 7.23
C GLU A 103 29.84 -4.58 6.49
N SER A 104 28.83 -5.31 6.08
CA SER A 104 27.70 -4.67 5.42
C SER A 104 26.38 -4.96 6.16
N ILE A 105 26.47 -5.72 7.25
CA ILE A 105 25.27 -6.10 8.03
C ILE A 105 24.42 -4.88 8.42
N GLY A 106 25.04 -3.72 8.57
CA GLY A 106 24.28 -2.51 8.88
C GLY A 106 23.22 -2.19 7.83
N PHE A 107 23.23 -2.87 6.68
CA PHE A 107 22.20 -2.60 5.66
C PHE A 107 20.81 -2.87 6.26
N LEU A 108 20.76 -3.77 7.24
CA LEU A 108 19.50 -4.14 7.87
C LEU A 108 18.83 -2.95 8.52
N SER A 109 19.65 -2.00 8.97
CA SER A 109 19.17 -0.80 9.64
C SER A 109 18.44 0.21 8.77
N TRP A 110 18.20 -0.13 7.50
CA TRP A 110 17.49 0.83 6.65
C TRP A 110 16.09 1.08 7.20
N VAL A 111 15.53 0.08 7.86
CA VAL A 111 14.19 0.20 8.41
C VAL A 111 14.04 1.34 9.41
N VAL A 112 15.14 1.90 9.92
CA VAL A 112 15.04 3.02 10.85
C VAL A 112 15.85 4.24 10.41
N VAL A 113 16.35 4.22 9.18
CA VAL A 113 17.11 5.34 8.64
C VAL A 113 16.16 6.22 7.82
N GLU A 114 16.18 7.52 8.07
CA GLU A 114 15.32 8.47 7.36
C GLU A 114 16.07 9.78 7.15
N PRO A 115 15.82 10.46 6.02
CA PRO A 115 14.89 10.05 4.96
C PRO A 115 15.63 9.30 3.83
N THR A 116 16.80 8.74 4.11
CA THR A 116 17.59 8.07 3.08
C THR A 116 17.91 6.59 3.27
N PRO A 117 16.87 5.75 3.45
CA PRO A 117 17.19 4.32 3.64
C PRO A 117 17.89 3.67 2.45
N GLY A 118 17.47 4.04 1.24
CA GLY A 118 18.08 3.49 0.04
C GLY A 118 19.57 3.80 0.02
N PRO A 119 19.95 5.10 0.10
CA PRO A 119 21.39 5.41 0.10
C PRO A 119 22.15 4.66 1.21
N HIS A 120 21.48 4.37 2.34
CA HIS A 120 22.16 3.66 3.41
C HIS A 120 22.55 2.24 2.94
N VAL A 121 21.60 1.52 2.36
CA VAL A 121 21.93 0.17 1.86
C VAL A 121 23.07 0.22 0.82
N ALA A 122 23.05 1.21 -0.05
CA ALA A 122 24.09 1.32 -1.08
C ALA A 122 25.44 1.55 -0.43
N GLU A 123 25.48 2.35 0.64
CA GLU A 123 26.75 2.60 1.31
C GLU A 123 27.25 1.27 1.92
N MET A 124 26.33 0.50 2.48
CA MET A 124 26.69 -0.76 3.07
C MET A 124 27.17 -1.72 2.00
N ARG A 125 26.49 -1.73 0.85
CA ARG A 125 26.91 -2.61 -0.24
C ARG A 125 28.35 -2.23 -0.62
N GLY A 126 28.63 -0.93 -0.62
CA GLY A 126 29.98 -0.49 -0.94
C GLY A 126 30.96 -1.24 -0.06
N SER A 127 30.60 -1.39 1.23
CA SER A 127 31.52 -2.09 2.13
C SER A 127 31.63 -3.59 1.84
N ALA A 128 30.53 -4.25 1.50
CA ALA A 128 30.67 -5.68 1.21
C ALA A 128 31.56 -5.89 -0.02
N GLU A 129 31.41 -4.99 -1.00
CA GLU A 129 32.17 -5.10 -2.26
C GLU A 129 33.67 -4.97 -2.12
N PHE A 130 34.15 -4.32 -1.06
CA PHE A 130 35.58 -4.22 -0.83
C PHE A 130 36.05 -5.68 -0.68
N TYR A 131 35.27 -6.46 0.05
CA TYR A 131 35.60 -7.87 0.26
C TYR A 131 35.10 -8.78 -0.87
N THR A 132 33.93 -8.53 -1.45
CA THR A 132 33.51 -9.41 -2.54
C THR A 132 34.45 -9.26 -3.75
N ASN A 133 35.10 -8.11 -3.88
CA ASN A 133 36.06 -7.93 -4.97
C ASN A 133 37.27 -8.83 -4.72
N ARG A 134 37.64 -9.02 -3.46
CA ARG A 134 38.78 -9.90 -3.18
C ARG A 134 38.37 -11.30 -3.54
N ILE A 135 37.14 -11.64 -3.24
CA ILE A 135 36.66 -12.97 -3.57
C ILE A 135 36.74 -13.13 -5.09
N LEU A 136 36.16 -12.21 -5.85
CA LEU A 136 36.21 -12.35 -7.30
C LEU A 136 37.64 -12.37 -7.85
N LYS A 137 38.50 -11.50 -7.35
CA LYS A 137 39.89 -11.51 -7.78
C LYS A 137 40.48 -12.92 -7.62
N GLU A 138 40.17 -13.58 -6.50
CA GLU A 138 40.72 -14.91 -6.24
C GLU A 138 40.02 -16.06 -6.98
N PHE A 139 38.72 -15.94 -7.22
CA PHE A 139 38.02 -17.07 -7.83
C PHE A 139 37.37 -16.88 -9.19
N LYS A 140 37.41 -15.68 -9.71
CA LYS A 140 36.82 -15.45 -11.02
C LYS A 140 37.53 -16.38 -12.00
N GLY A 141 36.76 -17.23 -12.66
CA GLY A 141 37.33 -18.15 -13.63
C GLY A 141 37.99 -19.37 -13.03
N VAL A 142 37.85 -19.56 -11.72
CA VAL A 142 38.42 -20.73 -11.11
C VAL A 142 37.42 -21.44 -10.23
N ASN A 143 36.55 -20.69 -9.55
CA ASN A 143 35.54 -21.34 -8.73
C ASN A 143 34.23 -20.59 -8.94
N GLN A 144 33.36 -21.13 -9.82
CA GLN A 144 32.08 -20.45 -10.12
C GLN A 144 31.14 -20.36 -8.92
N ASP A 145 31.28 -21.24 -7.95
CA ASP A 145 30.44 -21.19 -6.75
C ASP A 145 30.78 -19.94 -5.94
N GLN A 146 32.07 -19.64 -5.81
CA GLN A 146 32.46 -18.44 -5.09
C GLN A 146 31.90 -17.25 -5.85
N VAL A 147 32.03 -17.25 -7.17
CA VAL A 147 31.48 -16.14 -8.00
C VAL A 147 29.97 -15.99 -7.82
N ASP A 148 29.23 -17.09 -7.90
CA ASP A 148 27.78 -17.04 -7.74
C ASP A 148 27.39 -16.57 -6.31
N TRP A 149 28.16 -16.95 -5.31
CA TRP A 149 27.89 -16.53 -3.94
C TRP A 149 27.97 -14.99 -3.92
N VAL A 150 29.06 -14.45 -4.45
CA VAL A 150 29.24 -13.00 -4.51
C VAL A 150 28.07 -12.37 -5.24
N SER A 151 27.77 -12.88 -6.42
CA SER A 151 26.68 -12.33 -7.21
C SER A 151 25.28 -12.34 -6.52
N ASN A 152 24.91 -13.44 -5.85
CA ASN A 152 23.61 -13.48 -5.16
C ASN A 152 23.48 -12.35 -4.10
N TYR A 153 24.54 -12.17 -3.31
CA TYR A 153 24.56 -11.17 -2.26
C TYR A 153 24.53 -9.73 -2.78
N VAL A 154 25.47 -9.39 -3.65
CA VAL A 154 25.53 -8.05 -4.24
C VAL A 154 24.22 -7.69 -4.95
N ASN A 155 23.67 -8.63 -5.73
CA ASN A 155 22.42 -8.36 -6.45
C ASN A 155 21.29 -8.25 -5.46
N PHE A 156 21.38 -9.00 -4.36
CA PHE A 156 20.34 -8.90 -3.35
C PHE A 156 20.36 -7.46 -2.83
N LEU A 157 21.54 -6.93 -2.52
CA LEU A 157 21.59 -5.55 -2.00
C LEU A 157 21.22 -4.54 -3.09
N LYS A 158 21.60 -4.82 -4.34
CA LYS A 158 21.23 -3.92 -5.43
C LYS A 158 19.71 -3.90 -5.57
N ASP A 159 19.07 -5.07 -5.60
CA ASP A 159 17.62 -5.09 -5.74
C ASP A 159 16.94 -4.49 -4.51
N LEU A 160 17.54 -4.68 -3.34
CA LEU A 160 16.95 -4.14 -2.11
C LEU A 160 16.87 -2.60 -2.18
N GLU A 161 17.89 -1.97 -2.75
CA GLU A 161 17.90 -0.51 -2.89
C GLU A 161 16.76 -0.09 -3.78
N LYS A 162 16.49 -0.86 -4.85
CA LYS A 162 15.38 -0.52 -5.77
C LYS A 162 14.04 -0.74 -5.07
N TYR A 163 13.93 -1.85 -4.37
CA TYR A 163 12.71 -2.13 -3.63
C TYR A 163 12.41 -0.92 -2.72
N ILE A 164 13.43 -0.46 -1.98
CA ILE A 164 13.24 0.68 -1.07
C ILE A 164 12.80 1.95 -1.78
N LYS A 165 13.53 2.32 -2.85
CA LYS A 165 13.18 3.53 -3.59
C LYS A 165 11.73 3.44 -4.00
N GLN A 166 11.26 2.23 -4.27
CA GLN A 166 9.87 2.06 -4.67
C GLN A 166 8.83 2.00 -3.52
N TYR A 167 9.04 1.16 -2.52
CA TYR A 167 8.02 1.05 -1.45
C TYR A 167 8.24 1.79 -0.12
N HIS A 168 9.44 2.29 0.12
CA HIS A 168 9.75 2.96 1.39
C HIS A 168 10.80 4.06 1.13
N THR A 169 10.54 4.87 0.11
CA THR A 169 11.45 5.89 -0.35
C THR A 169 12.14 6.74 0.69
N THR A 170 11.36 7.29 1.62
CA THR A 170 11.92 8.16 2.64
C THR A 170 11.89 7.54 4.05
N GLY A 171 11.69 6.23 4.11
CA GLY A 171 11.66 5.52 5.39
C GLY A 171 10.69 4.35 5.34
N LEU A 172 10.81 3.44 6.29
CA LEU A 172 9.90 2.29 6.37
C LEU A 172 8.47 2.84 6.37
N THR A 173 7.59 2.28 5.54
CA THR A 173 6.20 2.77 5.44
C THR A 173 5.28 2.23 6.55
N TRP A 174 4.77 3.14 7.38
CA TRP A 174 3.86 2.77 8.46
C TRP A 174 2.44 3.10 8.02
N ASN A 175 1.45 2.65 8.78
CA ASN A 175 0.05 2.88 8.45
C ASN A 175 -0.68 3.75 9.48
N PRO A 176 -0.85 5.04 9.19
CA PRO A 176 -1.53 6.02 10.06
C PRO A 176 -2.91 5.57 10.61
N LYS A 177 -3.63 4.77 9.82
CA LYS A 177 -4.94 4.24 10.20
C LYS A 177 -4.80 2.78 10.60
N GLY A 178 -3.58 2.38 10.94
CA GLY A 178 -3.33 1.00 11.31
C GLY A 178 -3.72 0.64 12.72
N GLY A 179 -3.27 -0.52 13.14
CA GLY A 179 -3.55 -0.96 14.49
C GLY A 179 -2.33 -0.73 15.33
N ASP A 180 -2.31 -1.43 16.46
CA ASP A 180 -1.22 -1.35 17.40
C ASP A 180 -0.11 -2.32 16.99
N ALA A 181 1.09 -1.79 16.75
CA ALA A 181 2.22 -2.61 16.35
C ALA A 181 2.67 -3.46 17.54
N LYS A 182 2.58 -2.87 18.72
CA LYS A 182 2.96 -3.50 19.97
C LYS A 182 2.44 -4.93 20.05
N SER A 183 1.14 -5.10 19.83
CA SER A 183 0.55 -6.43 19.86
C SER A 183 0.66 -6.97 18.45
N ALA A 184 1.90 -7.17 18.03
CA ALA A 184 2.20 -7.68 16.70
C ALA A 184 1.79 -9.15 16.57
N THR A 185 2.28 -9.81 15.53
CA THR A 185 1.97 -11.22 15.27
C THR A 185 3.14 -12.11 15.73
N PRO A 186 3.18 -12.48 17.02
CA PRO A 186 4.27 -13.34 17.52
C PRO A 186 4.26 -14.73 16.88
N SER B 1 -39.21 9.56 -10.07
CA SER B 1 -38.66 10.94 -10.28
C SER B 1 -39.57 12.00 -9.66
N GLY B 2 -40.43 12.61 -10.48
CA GLY B 2 -41.35 13.63 -10.02
C GLY B 2 -40.78 15.03 -9.84
N ALA B 3 -39.52 15.08 -9.38
CA ALA B 3 -38.82 16.33 -9.11
C ALA B 3 -39.13 16.71 -7.68
N ALA B 4 -38.36 16.12 -6.78
CA ALA B 4 -38.54 16.39 -5.36
C ALA B 4 -38.18 17.81 -5.00
N GLY B 5 -37.34 18.44 -5.81
CA GLY B 5 -36.93 19.81 -5.51
C GLY B 5 -35.93 19.73 -4.39
N PRO B 6 -35.37 20.86 -3.92
CA PRO B 6 -34.39 20.79 -2.83
C PRO B 6 -35.05 20.08 -1.65
N SER B 7 -34.43 19.00 -1.12
CA SER B 7 -35.07 18.24 -0.04
C SER B 7 -34.24 17.48 0.98
N SER B 8 -34.65 17.54 2.25
CA SER B 8 -33.91 16.78 3.27
C SER B 8 -34.02 15.27 2.94
N ALA B 9 -35.02 14.86 2.17
CA ALA B 9 -35.12 13.43 1.86
C ALA B 9 -33.90 12.97 1.01
N SER B 10 -33.37 13.86 0.18
CA SER B 10 -32.24 13.50 -0.66
C SER B 10 -30.98 13.31 0.20
N VAL B 11 -30.88 14.09 1.25
CA VAL B 11 -29.74 13.96 2.14
C VAL B 11 -29.80 12.63 2.91
N LYS B 12 -30.96 12.37 3.50
CA LYS B 12 -31.20 11.17 4.29
C LYS B 12 -31.08 9.93 3.44
N GLU B 13 -31.63 9.97 2.23
CA GLU B 13 -31.58 8.82 1.36
C GLU B 13 -30.16 8.52 0.90
N PHE B 14 -29.33 9.55 0.81
CA PHE B 14 -27.94 9.31 0.41
C PHE B 14 -27.25 8.56 1.55
N GLN B 15 -27.40 9.06 2.79
CA GLN B 15 -26.78 8.38 3.94
C GLN B 15 -27.23 6.92 4.02
N ASN B 16 -28.49 6.68 3.75
CA ASN B 16 -29.00 5.31 3.78
C ASN B 16 -28.20 4.43 2.82
N LEU B 17 -27.89 4.95 1.64
CA LEU B 17 -27.13 4.17 0.67
C LEU B 17 -25.75 3.83 1.24
N VAL B 18 -25.12 4.84 1.84
CA VAL B 18 -23.80 4.68 2.43
C VAL B 18 -23.85 3.64 3.54
N ASP B 19 -24.85 3.78 4.40
CA ASP B 19 -25.04 2.86 5.53
C ASP B 19 -25.19 1.45 5.03
N GLN B 20 -26.10 1.26 4.08
CA GLN B 20 -26.34 -0.06 3.56
C GLN B 20 -25.16 -0.67 2.80
N HIS B 21 -24.47 0.11 1.96
CA HIS B 21 -23.41 -0.47 1.16
C HIS B 21 -21.95 -0.20 1.54
N ILE B 22 -21.65 1.04 1.92
CA ILE B 22 -20.29 1.42 2.25
C ILE B 22 -19.74 0.95 3.59
N THR B 23 -20.57 0.94 4.64
CA THR B 23 -20.11 0.48 5.95
C THR B 23 -19.57 -0.94 5.87
N PRO B 24 -20.34 -1.89 5.32
CA PRO B 24 -19.77 -3.24 5.24
C PRO B 24 -18.64 -3.27 4.23
N PHE B 25 -18.68 -2.39 3.24
CA PHE B 25 -17.61 -2.34 2.25
C PHE B 25 -16.27 -1.98 2.90
N VAL B 26 -16.27 -0.99 3.78
CA VAL B 26 -15.04 -0.58 4.48
C VAL B 26 -14.50 -1.73 5.33
N ALA B 27 -15.36 -2.38 6.13
CA ALA B 27 -14.92 -3.49 6.98
C ALA B 27 -14.17 -4.50 6.12
N LEU B 28 -14.79 -4.99 5.05
CA LEU B 28 -14.13 -5.96 4.19
C LEU B 28 -12.81 -5.41 3.66
N SER B 29 -12.84 -4.18 3.17
CA SER B 29 -11.62 -3.59 2.66
C SER B 29 -10.50 -3.61 3.68
N LYS B 30 -10.78 -3.26 4.93
CA LYS B 30 -9.70 -3.27 5.91
C LYS B 30 -9.23 -4.69 6.15
N LYS B 31 -10.13 -5.65 5.98
CA LYS B 31 -9.76 -7.03 6.19
C LYS B 31 -8.88 -7.56 5.04
N LEU B 32 -9.21 -7.20 3.80
CA LEU B 32 -8.45 -7.70 2.65
C LEU B 32 -6.98 -7.31 2.61
N ALA B 33 -6.67 -6.03 2.66
CA ALA B 33 -5.26 -5.61 2.61
C ALA B 33 -5.17 -4.14 3.02
N PRO B 34 -3.99 -3.70 3.51
CA PRO B 34 -3.85 -2.30 3.92
C PRO B 34 -3.94 -1.31 2.76
N GLU B 35 -3.49 -1.69 1.56
CA GLU B 35 -3.62 -0.76 0.41
C GLU B 35 -5.09 -0.62 -0.01
N VAL B 36 -5.87 -1.69 0.12
CA VAL B 36 -7.28 -1.59 -0.21
C VAL B 36 -7.95 -0.69 0.84
N GLY B 37 -7.66 -0.94 2.12
CA GLY B 37 -8.27 -0.12 3.17
C GLY B 37 -7.91 1.34 2.95
N ASN B 38 -6.63 1.60 2.68
CA ASN B 38 -6.15 2.96 2.43
C ASN B 38 -6.98 3.61 1.30
N GLN B 39 -7.03 2.93 0.15
CA GLN B 39 -7.77 3.45 -0.97
C GLN B 39 -9.25 3.67 -0.67
N VAL B 40 -9.86 2.72 0.06
CA VAL B 40 -11.28 2.83 0.36
C VAL B 40 -11.54 3.97 1.36
N GLU B 41 -10.58 4.20 2.24
CA GLU B 41 -10.62 5.29 3.21
C GLU B 41 -10.71 6.64 2.47
N GLN B 42 -9.93 6.81 1.41
CA GLN B 42 -10.00 8.03 0.60
C GLN B 42 -11.35 8.16 -0.13
N LEU B 43 -11.90 7.02 -0.57
CA LEU B 43 -13.19 7.00 -1.25
C LEU B 43 -14.26 7.45 -0.26
N VAL B 44 -14.24 6.90 0.96
CA VAL B 44 -15.24 7.25 1.97
C VAL B 44 -15.21 8.73 2.30
N LYS B 45 -14.02 9.32 2.38
CA LYS B 45 -13.93 10.74 2.65
C LYS B 45 -14.58 11.47 1.47
N ALA B 46 -14.37 10.98 0.25
CA ALA B 46 -14.98 11.64 -0.90
C ALA B 46 -16.52 11.50 -0.82
N ILE B 47 -16.99 10.31 -0.43
CA ILE B 47 -18.43 10.06 -0.33
C ILE B 47 -19.08 10.94 0.75
N ASP B 48 -18.40 11.09 1.89
CA ASP B 48 -18.90 11.96 2.94
C ASP B 48 -18.86 13.41 2.45
N ALA B 49 -17.80 13.79 1.73
CA ALA B 49 -17.75 15.16 1.20
C ALA B 49 -18.97 15.39 0.29
N GLU B 50 -19.28 14.38 -0.51
CA GLU B 50 -20.41 14.42 -1.44
C GLU B 50 -21.74 14.60 -0.69
N LYS B 51 -21.94 13.87 0.39
CA LYS B 51 -23.18 13.99 1.15
C LYS B 51 -23.34 15.42 1.70
N ALA B 52 -22.23 16.03 2.09
CA ALA B 52 -22.28 17.38 2.60
C ALA B 52 -22.64 18.31 1.42
N LEU B 53 -22.04 18.10 0.26
CA LEU B 53 -22.35 18.94 -0.89
C LEU B 53 -23.87 18.89 -1.19
N ILE B 54 -24.41 17.68 -1.23
CA ILE B 54 -25.83 17.50 -1.48
C ILE B 54 -26.64 18.29 -0.44
N ASN B 55 -26.28 18.13 0.82
CA ASN B 55 -26.97 18.82 1.88
C ASN B 55 -26.88 20.33 1.67
N THR B 56 -25.66 20.80 1.44
CA THR B 56 -25.44 22.21 1.18
C THR B 56 -26.30 22.69 0.02
N ALA B 57 -26.35 21.91 -1.05
CA ALA B 57 -27.13 22.34 -2.21
C ALA B 57 -28.64 22.38 -1.93
N SER B 58 -29.11 21.60 -0.96
CA SER B 58 -30.54 21.57 -0.67
C SER B 58 -31.00 22.82 0.06
N GLN B 59 -30.04 23.56 0.62
CA GLN B 59 -30.37 24.80 1.30
C GLN B 59 -29.69 26.05 0.72
N SER B 60 -29.12 25.95 -0.48
CA SER B 60 -28.41 27.08 -1.06
C SER B 60 -28.63 27.25 -2.54
N LYS B 61 -28.40 28.48 -3.01
CA LYS B 61 -28.55 28.78 -4.43
C LYS B 61 -27.37 28.18 -5.19
N LYS B 62 -27.57 27.89 -6.47
CA LYS B 62 -26.48 27.36 -7.31
C LYS B 62 -25.38 28.42 -7.21
N PRO B 63 -24.16 28.02 -6.81
CA PRO B 63 -23.10 29.03 -6.67
C PRO B 63 -22.40 29.39 -7.97
N SER B 64 -21.50 30.36 -7.87
CA SER B 64 -20.74 30.77 -9.05
C SER B 64 -19.72 29.66 -9.33
N GLN B 65 -19.09 29.74 -10.49
CA GLN B 65 -18.06 28.75 -10.85
C GLN B 65 -16.93 28.71 -9.82
N GLU B 66 -16.49 29.87 -9.38
CA GLU B 66 -15.40 29.93 -8.42
C GLU B 66 -15.80 29.28 -7.10
N THR B 67 -16.97 29.61 -6.57
CA THR B 67 -17.42 29.00 -5.31
C THR B 67 -17.61 27.50 -5.50
N LEU B 68 -18.24 27.11 -6.60
CA LEU B 68 -18.47 25.69 -6.85
C LEU B 68 -17.13 24.96 -6.91
N LEU B 69 -16.14 25.56 -7.56
CA LEU B 69 -14.83 24.93 -7.64
C LEU B 69 -14.28 24.66 -6.23
N GLU B 70 -14.31 25.69 -5.39
CA GLU B 70 -13.82 25.52 -4.04
C GLU B 70 -14.58 24.39 -3.35
N LEU B 71 -15.87 24.30 -3.63
CA LEU B 71 -16.71 23.27 -3.02
C LEU B 71 -16.30 21.82 -3.34
N ILE B 72 -15.86 21.55 -4.56
CA ILE B 72 -15.53 20.19 -4.91
C ILE B 72 -14.05 19.83 -4.86
N LYS B 73 -13.20 20.79 -4.50
CA LYS B 73 -11.77 20.57 -4.42
C LYS B 73 -11.41 19.39 -3.53
N PRO B 74 -11.88 19.38 -2.27
CA PRO B 74 -11.58 18.26 -1.36
C PRO B 74 -11.94 16.94 -2.03
N LEU B 75 -13.14 16.93 -2.60
CA LEU B 75 -13.70 15.78 -3.28
C LEU B 75 -12.76 15.34 -4.39
N ASN B 76 -12.29 16.29 -5.20
CA ASN B 76 -11.37 15.94 -6.28
C ASN B 76 -10.03 15.43 -5.78
N ASN B 77 -9.56 15.97 -4.66
CA ASN B 77 -8.28 15.54 -4.14
C ASN B 77 -8.36 14.10 -3.58
N PHE B 78 -9.48 13.77 -2.94
CA PHE B 78 -9.64 12.41 -2.42
C PHE B 78 -9.69 11.44 -3.60
N ALA B 79 -10.43 11.82 -4.65
CA ALA B 79 -10.56 11.00 -5.83
C ALA B 79 -9.20 10.82 -6.48
N ALA B 80 -8.44 11.91 -6.54
CA ALA B 80 -7.12 11.88 -7.13
C ALA B 80 -6.22 10.92 -6.35
N GLU B 81 -6.37 10.91 -5.02
CA GLU B 81 -5.55 10.02 -4.18
C GLU B 81 -5.91 8.55 -4.42
N VAL B 82 -7.20 8.27 -4.65
CA VAL B 82 -7.64 6.91 -4.93
C VAL B 82 -6.85 6.37 -6.14
N GLY B 83 -6.71 7.21 -7.18
CA GLY B 83 -5.96 6.83 -8.37
C GLY B 83 -4.49 6.60 -8.14
N LYS B 84 -3.86 7.45 -7.33
CA LYS B 84 -2.46 7.31 -7.06
C LYS B 84 -2.15 6.02 -6.36
N ILE B 85 -2.99 5.65 -5.40
CA ILE B 85 -2.75 4.44 -4.64
C ILE B 85 -2.78 3.20 -5.55
N ARG B 86 -3.78 3.11 -6.44
CA ARG B 86 -3.85 1.98 -7.35
C ARG B 86 -2.71 2.00 -8.36
N ASP B 87 -2.36 3.17 -8.89
CA ASP B 87 -1.27 3.24 -9.87
C ASP B 87 0.05 2.80 -9.22
N SER B 88 0.25 3.10 -7.94
CA SER B 88 1.50 2.72 -7.26
C SER B 88 1.50 1.31 -6.72
N ASN B 89 0.40 0.59 -6.91
CA ASN B 89 0.33 -0.78 -6.42
C ASN B 89 0.01 -1.77 -7.53
N ARG B 90 0.66 -1.67 -8.67
CA ARG B 90 0.37 -2.61 -9.75
C ARG B 90 0.84 -4.05 -9.48
N SER B 91 1.74 -4.25 -8.52
CA SER B 91 2.22 -5.62 -8.19
C SER B 91 1.41 -6.20 -7.04
N SER B 92 0.42 -5.46 -6.55
CA SER B 92 -0.39 -5.95 -5.43
C SER B 92 -1.30 -7.07 -5.87
N LYS B 93 -1.45 -8.08 -5.02
CA LYS B 93 -2.34 -9.20 -5.28
C LYS B 93 -3.77 -8.67 -5.44
N PHE B 94 -4.03 -7.47 -4.92
CA PHE B 94 -5.38 -6.92 -5.00
C PHE B 94 -5.54 -5.80 -6.01
N PHE B 95 -4.70 -5.82 -7.05
CA PHE B 95 -4.78 -4.79 -8.08
C PHE B 95 -6.16 -4.72 -8.74
N ASN B 96 -6.84 -5.86 -8.89
CA ASN B 96 -8.17 -5.89 -9.47
C ASN B 96 -9.12 -5.03 -8.60
N ASN B 97 -9.06 -5.24 -7.28
CA ASN B 97 -9.87 -4.46 -6.34
C ASN B 97 -9.57 -2.97 -6.42
N LEU B 98 -8.30 -2.61 -6.48
CA LEU B 98 -7.89 -1.20 -6.55
C LEU B 98 -8.37 -0.57 -7.86
N SER B 99 -8.25 -1.32 -8.97
CA SER B 99 -8.69 -0.84 -10.28
C SER B 99 -10.20 -0.68 -10.35
N ALA B 100 -10.93 -1.61 -9.72
CA ALA B 100 -12.38 -1.52 -9.71
C ALA B 100 -12.78 -0.12 -9.23
N ILE B 101 -12.09 0.38 -8.22
CA ILE B 101 -12.39 1.69 -7.67
C ILE B 101 -11.78 2.84 -8.45
N SER B 102 -10.48 2.75 -8.68
CA SER B 102 -9.78 3.81 -9.38
C SER B 102 -10.40 4.07 -10.74
N GLU B 103 -10.69 3.00 -11.48
CA GLU B 103 -11.21 3.17 -12.83
C GLU B 103 -12.68 3.58 -12.92
N SER B 104 -13.35 3.69 -11.78
CA SER B 104 -14.74 4.13 -11.78
C SER B 104 -14.90 5.30 -10.81
N ILE B 105 -13.79 5.79 -10.28
CA ILE B 105 -13.85 6.87 -9.30
C ILE B 105 -14.55 8.12 -9.83
N GLY B 106 -14.58 8.24 -11.15
CA GLY B 106 -15.24 9.37 -11.79
C GLY B 106 -16.73 9.42 -11.51
N PHE B 107 -17.31 8.40 -10.89
CA PHE B 107 -18.76 8.47 -10.61
C PHE B 107 -19.09 9.66 -9.69
N LEU B 108 -18.13 10.01 -8.84
CA LEU B 108 -18.26 11.12 -7.88
C LEU B 108 -18.63 12.42 -8.56
N SER B 109 -18.20 12.55 -9.83
CA SER B 109 -18.45 13.76 -10.62
C SER B 109 -19.91 13.93 -10.94
N TRP B 110 -20.74 12.96 -10.62
CA TRP B 110 -22.13 13.13 -10.99
C TRP B 110 -22.67 14.45 -10.47
N VAL B 111 -22.10 14.95 -9.38
CA VAL B 111 -22.59 16.20 -8.83
C VAL B 111 -22.40 17.41 -9.72
N VAL B 112 -21.50 17.32 -10.70
CA VAL B 112 -21.33 18.45 -11.61
C VAL B 112 -21.64 18.09 -13.06
N VAL B 113 -22.17 16.90 -13.33
CA VAL B 113 -22.53 16.51 -14.71
C VAL B 113 -24.02 16.78 -14.98
N GLU B 114 -24.32 17.50 -16.06
CA GLU B 114 -25.71 17.78 -16.39
C GLU B 114 -25.87 17.66 -17.89
N PRO B 115 -27.08 17.26 -18.36
CA PRO B 115 -28.23 16.92 -17.52
C PRO B 115 -28.36 15.40 -17.38
N THR B 116 -27.23 14.69 -17.44
CA THR B 116 -27.28 13.23 -17.36
C THR B 116 -26.37 12.62 -16.28
N PRO B 117 -26.54 13.05 -15.01
CA PRO B 117 -25.69 12.49 -13.95
C PRO B 117 -25.84 10.97 -13.77
N GLY B 118 -27.07 10.50 -13.86
CA GLY B 118 -27.33 9.07 -13.67
C GLY B 118 -26.50 8.23 -14.63
N PRO B 119 -26.65 8.46 -15.94
CA PRO B 119 -25.94 7.73 -16.98
C PRO B 119 -24.42 7.80 -16.78
N HIS B 120 -23.97 8.90 -16.18
CA HIS B 120 -22.56 9.06 -15.93
C HIS B 120 -22.12 7.98 -14.93
N VAL B 121 -22.86 7.86 -13.82
CA VAL B 121 -22.57 6.83 -12.83
C VAL B 121 -22.64 5.44 -13.47
N ALA B 122 -23.67 5.23 -14.29
CA ALA B 122 -23.83 3.93 -14.95
C ALA B 122 -22.58 3.59 -15.76
N GLU B 123 -22.06 4.52 -16.58
CA GLU B 123 -20.84 4.22 -17.34
C GLU B 123 -19.74 3.80 -16.38
N MET B 124 -19.48 4.64 -15.39
CA MET B 124 -18.45 4.35 -14.41
C MET B 124 -18.68 2.96 -13.78
N ARG B 125 -19.94 2.62 -13.51
CA ARG B 125 -20.20 1.30 -12.95
C ARG B 125 -19.72 0.29 -14.00
N GLY B 126 -19.97 0.61 -15.26
CA GLY B 126 -19.51 -0.26 -16.32
C GLY B 126 -18.01 -0.49 -16.20
N SER B 127 -17.24 0.57 -16.01
CA SER B 127 -15.79 0.42 -15.91
C SER B 127 -15.36 -0.43 -14.70
N ALA B 128 -16.06 -0.26 -13.58
CA ALA B 128 -15.73 -1.01 -12.38
C ALA B 128 -15.90 -2.51 -12.64
N GLU B 129 -17.05 -2.87 -13.20
CA GLU B 129 -17.35 -4.27 -13.47
C GLU B 129 -16.33 -5.00 -14.35
N PHE B 130 -15.60 -4.27 -15.18
CA PHE B 130 -14.57 -4.92 -15.98
C PHE B 130 -13.65 -5.64 -14.99
N TYR B 131 -13.36 -4.98 -13.86
CA TYR B 131 -12.49 -5.57 -12.86
C TYR B 131 -13.20 -6.46 -11.86
N THR B 132 -14.39 -6.07 -11.44
CA THR B 132 -15.07 -6.90 -10.46
C THR B 132 -15.45 -8.27 -11.01
N ASN B 133 -15.83 -8.34 -12.28
CA ASN B 133 -16.16 -9.65 -12.87
C ASN B 133 -14.94 -10.52 -12.67
N ARG B 134 -13.77 -9.97 -12.97
CA ARG B 134 -12.54 -10.69 -12.79
C ARG B 134 -12.39 -11.20 -11.37
N ILE B 135 -12.74 -10.37 -10.39
CA ILE B 135 -12.63 -10.77 -9.00
C ILE B 135 -13.59 -11.91 -8.75
N LEU B 136 -14.80 -11.79 -9.29
CA LEU B 136 -15.79 -12.83 -9.12
C LEU B 136 -15.38 -14.10 -9.87
N LYS B 137 -14.70 -13.94 -11.00
CA LYS B 137 -14.27 -15.09 -11.77
C LYS B 137 -13.26 -15.88 -10.96
N GLU B 138 -12.45 -15.16 -10.20
CA GLU B 138 -11.40 -15.78 -9.40
C GLU B 138 -11.76 -16.23 -8.00
N PHE B 139 -12.74 -15.60 -7.36
CA PHE B 139 -13.08 -15.97 -5.99
C PHE B 139 -14.48 -16.49 -5.72
N LYS B 140 -15.32 -16.51 -6.76
CA LYS B 140 -16.67 -17.01 -6.60
C LYS B 140 -16.47 -18.45 -6.12
N GLY B 141 -17.03 -18.77 -4.95
CA GLY B 141 -16.87 -20.11 -4.40
C GLY B 141 -15.59 -20.28 -3.61
N VAL B 142 -14.59 -19.46 -3.91
CA VAL B 142 -13.30 -19.51 -3.22
C VAL B 142 -13.26 -18.57 -2.02
N ASN B 143 -13.43 -17.26 -2.28
CA ASN B 143 -13.40 -16.28 -1.20
C ASN B 143 -14.67 -15.44 -1.13
N GLN B 144 -15.46 -15.66 -0.08
CA GLN B 144 -16.71 -14.93 0.09
C GLN B 144 -16.47 -13.43 0.36
N ASP B 145 -15.43 -13.10 1.13
CA ASP B 145 -15.10 -11.69 1.42
C ASP B 145 -14.93 -10.92 0.12
N GLN B 146 -14.26 -11.53 -0.87
CA GLN B 146 -14.06 -10.89 -2.16
C GLN B 146 -15.41 -10.68 -2.89
N VAL B 147 -16.29 -11.68 -2.82
CA VAL B 147 -17.61 -11.61 -3.45
C VAL B 147 -18.43 -10.51 -2.79
N ASP B 148 -18.49 -10.54 -1.47
CA ASP B 148 -19.24 -9.54 -0.72
C ASP B 148 -18.70 -8.13 -0.99
N TRP B 149 -17.37 -8.03 -1.12
CA TRP B 149 -16.72 -6.75 -1.37
C TRP B 149 -17.25 -6.24 -2.71
N VAL B 150 -17.22 -7.10 -3.72
CA VAL B 150 -17.73 -6.76 -5.05
C VAL B 150 -19.20 -6.37 -4.99
N SER B 151 -20.01 -7.23 -4.36
CA SER B 151 -21.44 -6.97 -4.26
C SER B 151 -21.70 -5.62 -3.61
N ASN B 152 -21.02 -5.32 -2.50
CA ASN B 152 -21.20 -4.05 -1.80
C ASN B 152 -20.99 -2.83 -2.74
N TYR B 153 -19.86 -2.85 -3.46
CA TYR B 153 -19.54 -1.75 -4.36
C TYR B 153 -20.48 -1.60 -5.54
N VAL B 154 -20.62 -2.64 -6.35
CA VAL B 154 -21.50 -2.61 -7.50
C VAL B 154 -22.93 -2.19 -7.10
N ASN B 155 -23.41 -2.68 -5.96
CA ASN B 155 -24.74 -2.31 -5.53
C ASN B 155 -24.80 -0.87 -5.00
N PHE B 156 -23.71 -0.36 -4.44
CA PHE B 156 -23.74 1.04 -4.00
C PHE B 156 -23.93 1.89 -5.26
N LEU B 157 -23.17 1.58 -6.30
CA LEU B 157 -23.25 2.30 -7.57
C LEU B 157 -24.64 2.11 -8.23
N LYS B 158 -25.19 0.89 -8.16
CA LYS B 158 -26.51 0.63 -8.76
C LYS B 158 -27.58 1.49 -8.10
N ASP B 159 -27.61 1.50 -6.77
CA ASP B 159 -28.57 2.29 -6.03
C ASP B 159 -28.29 3.79 -6.18
N LEU B 160 -27.03 4.14 -6.35
CA LEU B 160 -26.65 5.55 -6.54
C LEU B 160 -27.33 6.07 -7.79
N GLU B 161 -27.18 5.33 -8.88
CA GLU B 161 -27.79 5.70 -10.14
C GLU B 161 -29.31 5.86 -9.90
N LYS B 162 -29.90 4.87 -9.22
CA LYS B 162 -31.35 4.91 -8.95
C LYS B 162 -31.70 6.16 -8.12
N TYR B 163 -30.91 6.40 -7.09
CA TYR B 163 -31.07 7.57 -6.21
C TYR B 163 -31.08 8.88 -7.01
N ILE B 164 -30.06 9.09 -7.83
CA ILE B 164 -29.93 10.28 -8.66
C ILE B 164 -31.21 10.46 -9.49
N LYS B 165 -31.59 9.39 -10.17
CA LYS B 165 -32.77 9.41 -11.03
C LYS B 165 -33.97 9.96 -10.29
N GLN B 166 -34.04 9.67 -9.00
CA GLN B 166 -35.15 10.13 -8.21
C GLN B 166 -35.03 11.51 -7.56
N TYR B 167 -33.84 11.90 -7.14
CA TYR B 167 -33.68 13.18 -6.48
C TYR B 167 -32.87 14.27 -7.20
N HIS B 168 -32.15 13.91 -8.26
CA HIS B 168 -31.30 14.86 -8.99
C HIS B 168 -31.28 14.49 -10.46
N THR B 169 -32.44 14.13 -11.00
CA THR B 169 -32.58 13.66 -12.36
C THR B 169 -31.78 14.37 -13.46
N THR B 170 -31.80 15.68 -13.47
CA THR B 170 -31.06 16.38 -14.51
C THR B 170 -29.82 17.10 -13.98
N GLY B 171 -29.41 16.74 -12.75
CA GLY B 171 -28.24 17.36 -12.16
C GLY B 171 -28.42 17.54 -10.66
N LEU B 172 -27.35 17.82 -9.90
CA LEU B 172 -27.51 18.00 -8.45
C LEU B 172 -28.60 19.05 -8.22
N THR B 173 -29.48 18.85 -7.25
CA THR B 173 -30.55 19.80 -6.95
C THR B 173 -30.10 20.93 -6.01
N TRP B 174 -30.14 22.17 -6.50
CA TRP B 174 -29.77 23.35 -5.71
C TRP B 174 -31.07 24.06 -5.28
N ASN B 175 -30.95 25.01 -4.34
CA ASN B 175 -32.11 25.70 -3.80
C ASN B 175 -32.15 27.19 -4.14
N PRO B 176 -32.90 27.54 -5.21
CA PRO B 176 -33.06 28.92 -5.71
C PRO B 176 -33.53 29.94 -4.65
N LYS B 177 -34.09 29.45 -3.54
CA LYS B 177 -34.52 30.33 -2.47
C LYS B 177 -33.67 30.12 -1.23
N GLY B 178 -32.52 29.44 -1.36
CA GLY B 178 -31.68 29.20 -0.20
C GLY B 178 -30.67 30.30 0.10
N GLY B 179 -29.68 29.98 0.93
CA GLY B 179 -28.64 30.94 1.27
C GLY B 179 -27.43 30.73 0.37
N ASP B 180 -26.32 31.42 0.67
CA ASP B 180 -25.08 31.28 -0.10
C ASP B 180 -24.40 29.95 0.17
N ALA B 181 -24.19 29.18 -0.89
CA ALA B 181 -23.56 27.87 -0.77
C ALA B 181 -22.42 27.92 0.24
N LYS B 182 -21.54 28.90 0.08
CA LYS B 182 -20.39 29.06 0.96
C LYS B 182 -20.65 29.22 2.46
N SER B 183 -21.80 28.74 2.95
CA SER B 183 -22.10 28.84 4.39
C SER B 183 -23.50 28.33 4.77
N ALA B 184 -23.70 27.01 4.70
CA ALA B 184 -24.99 26.40 5.03
C ALA B 184 -24.90 25.68 6.38
N THR B 185 -26.04 25.22 6.89
CA THR B 185 -26.06 24.53 8.18
C THR B 185 -26.13 23.01 8.04
N PRO B 186 -26.62 22.35 9.09
CA PRO B 186 -26.75 20.90 9.12
C PRO B 186 -25.39 20.19 9.17
S SO4 C . 21.53 -13.51 -8.72
O1 SO4 C . 21.01 -13.56 -7.34
O2 SO4 C . 20.80 -14.46 -9.58
O3 SO4 C . 21.34 -12.15 -9.26
O4 SO4 C . 22.96 -13.87 -8.74
S SO4 D . 8.71 -15.80 6.05
O1 SO4 D . 8.92 -16.50 7.34
O2 SO4 D . 9.03 -16.72 4.95
O3 SO4 D . 7.29 -15.36 5.96
O4 SO4 D . 9.62 -14.62 5.97
S SO4 E . 8.05 9.00 21.50
O1 SO4 E . 8.18 8.13 20.32
O2 SO4 E . 8.73 10.29 21.22
O3 SO4 E . 6.63 9.24 21.79
O4 SO4 E . 8.67 8.34 22.67
S SO4 F . 39.16 -5.60 10.65
O1 SO4 F . 38.51 -5.85 11.97
O2 SO4 F . 39.48 -6.87 9.94
O3 SO4 F . 38.24 -4.80 9.81
O4 SO4 F . 40.42 -4.89 10.84
S SO4 G . -24.98 -5.31 -0.73
O1 SO4 G . -25.79 -5.11 -1.95
O2 SO4 G . -24.09 -6.48 -0.95
O3 SO4 G . -24.21 -4.10 -0.43
O4 SO4 G . -25.88 -5.59 0.40
S SO4 H . -20.28 32.82 -12.59
O1 SO4 H . -21.09 33.31 -11.45
O2 SO4 H . -20.87 31.55 -13.14
O3 SO4 H . -20.25 33.85 -13.63
O4 SO4 H . -18.89 32.60 -12.15
#